data_1QPE
#
_entry.id   1QPE
#
_cell.length_a   42.500
_cell.length_b   74.090
_cell.length_c   91.980
_cell.angle_alpha   90.00
_cell.angle_beta   90.00
_cell.angle_gamma   90.00
#
_symmetry.space_group_name_H-M   'P 21 21 21'
#
loop_
_entity.id
_entity.type
_entity.pdbx_description
1 polymer 'LCK KINASE'
2 non-polymer 'SULFATE ION'
3 non-polymer 1-TERT-BUTYL-3-(4-CHLORO-PHENYL)-1H-PYRAZOLO[3,4-D]PYRIMIDIN-4-YLAMINE
4 water water
#
_entity_poly.entity_id   1
_entity_poly.type   'polypeptide(L)'
_entity_poly.pdbx_seq_one_letter_code
;KPWWEDEWEVPRETLKLVERLGAGQFGEVWMGYYNGHTKVAVKSLKQGSMSPDAFLAEANLMKQLQHQRLVRLYAVVTQE
PIYIITEYMENGSLVDFLKTPSGIKLTINKLLDMAAQIAEGMAFIEERNYIHRDLRAANILVSDTLSCKIADFGLARLIE
DNE(PTR)TAREGAKFPIKWTAPEAINYGTFTIKSDVWSFGILLTEIVTHGRIPYPGMTNPEVIQNLERGYRMVRPDNCP
EELYQLMRLCWKERPEDRPTFDYLRSVLEDFFTATEGQYQPQP
;
_entity_poly.pdbx_strand_id   A
#
loop_
_chem_comp.id
_chem_comp.type
_chem_comp.name
_chem_comp.formula
PP2 non-polymer 1-TERT-BUTYL-3-(4-CHLORO-PHENYL)-1H-PYRAZOLO[3,4-D]PYRIMIDIN-4-YLAMINE 'C15 H17 Cl N5 1'
SO4 non-polymer 'SULFATE ION' 'O4 S -2'
#
# COMPACT_ATOMS: atom_id res chain seq x y z
N LYS A 1 4.61 17.22 -19.23
CA LYS A 1 5.05 17.60 -20.61
C LYS A 1 4.18 16.81 -21.56
N PRO A 2 4.03 17.29 -22.81
CA PRO A 2 3.21 16.55 -23.77
C PRO A 2 3.85 15.18 -23.99
N TRP A 3 3.05 14.20 -24.35
CA TRP A 3 3.52 12.83 -24.52
C TRP A 3 4.74 12.67 -25.44
N TRP A 4 4.82 13.49 -26.50
CA TRP A 4 5.95 13.39 -27.43
C TRP A 4 7.29 13.85 -26.81
N GLU A 5 7.22 14.62 -25.75
CA GLU A 5 8.41 15.10 -25.05
C GLU A 5 8.61 14.33 -23.74
N ASP A 6 7.60 13.54 -23.39
CA ASP A 6 7.56 12.76 -22.16
C ASP A 6 8.59 11.63 -22.11
N GLU A 7 9.14 11.40 -20.93
CA GLU A 7 10.08 10.33 -20.71
C GLU A 7 9.35 9.00 -20.51
N TRP A 8 8.02 9.06 -20.34
CA TRP A 8 7.25 7.85 -20.10
C TRP A 8 6.43 7.24 -21.22
N GLU A 9 5.98 8.04 -22.20
CA GLU A 9 5.20 7.49 -23.30
C GLU A 9 6.04 6.46 -24.03
N VAL A 10 5.37 5.42 -24.49
CA VAL A 10 6.03 4.33 -25.14
C VAL A 10 5.06 3.77 -26.15
N PRO A 11 5.56 3.42 -27.36
CA PRO A 11 4.71 2.83 -28.41
C PRO A 11 4.12 1.54 -27.86
N ARG A 12 2.84 1.26 -28.11
CA ARG A 12 2.24 0.05 -27.60
C ARG A 12 2.89 -1.23 -28.15
N GLU A 13 3.56 -1.12 -29.31
CA GLU A 13 4.25 -2.26 -29.95
C GLU A 13 5.41 -2.79 -29.09
N THR A 14 5.91 -1.97 -28.18
CA THR A 14 7.01 -2.39 -27.33
C THR A 14 6.54 -3.43 -26.32
N LEU A 15 5.24 -3.65 -26.23
CA LEU A 15 4.72 -4.53 -25.21
C LEU A 15 4.03 -5.79 -25.62
N LYS A 16 4.26 -6.85 -24.86
CA LYS A 16 3.59 -8.10 -25.16
C LYS A 16 2.96 -8.54 -23.88
N LEU A 17 1.64 -8.59 -23.86
CA LEU A 17 0.87 -9.04 -22.69
C LEU A 17 0.80 -10.58 -22.70
N VAL A 18 1.32 -11.18 -21.63
CA VAL A 18 1.40 -12.63 -21.54
C VAL A 18 0.44 -13.34 -20.61
N GLU A 19 0.19 -12.78 -19.43
CA GLU A 19 -0.68 -13.48 -18.49
C GLU A 19 -1.52 -12.49 -17.68
N ARG A 20 -2.83 -12.63 -17.74
CA ARG A 20 -3.69 -11.77 -16.97
C ARG A 20 -3.58 -12.25 -15.53
N LEU A 21 -3.27 -11.33 -14.63
CA LEU A 21 -3.10 -11.65 -13.23
C LEU A 21 -4.32 -11.22 -12.43
N GLY A 22 -5.05 -10.26 -12.97
CA GLY A 22 -6.20 -9.73 -12.29
C GLY A 22 -7.10 -8.97 -13.22
N ALA A 23 -8.38 -8.93 -12.86
CA ALA A 23 -9.38 -8.25 -13.67
C ALA A 23 -10.53 -7.77 -12.78
N GLY A 24 -11.00 -6.56 -13.05
CA GLY A 24 -12.07 -6.00 -12.25
C GLY A 24 -12.85 -5.05 -13.09
N GLN A 25 -13.66 -4.24 -12.42
CA GLN A 25 -14.55 -3.24 -13.00
C GLN A 25 -13.84 -2.15 -13.81
N PHE A 26 -12.65 -1.76 -13.37
CA PHE A 26 -11.93 -0.68 -14.07
C PHE A 26 -10.81 -1.10 -15.03
N GLY A 27 -10.61 -2.40 -15.18
CA GLY A 27 -9.55 -2.86 -16.06
C GLY A 27 -8.93 -4.18 -15.66
N GLU A 28 -7.71 -4.41 -16.15
CA GLU A 28 -7.01 -5.65 -15.89
C GLU A 28 -5.56 -5.36 -15.56
N VAL A 29 -4.91 -6.36 -14.97
CA VAL A 29 -3.50 -6.27 -14.64
C VAL A 29 -2.87 -7.53 -15.25
N TRP A 30 -1.86 -7.33 -16.09
CA TRP A 30 -1.17 -8.42 -16.77
C TRP A 30 0.31 -8.40 -16.52
N MET A 31 0.92 -9.58 -16.66
CA MET A 31 2.37 -9.75 -16.63
C MET A 31 2.67 -9.70 -18.13
N GLY A 32 3.72 -8.98 -18.53
CA GLY A 32 4.03 -8.90 -19.94
C GLY A 32 5.51 -8.64 -20.14
N TYR A 33 5.96 -8.37 -21.36
CA TYR A 33 7.37 -8.07 -21.57
C TYR A 33 7.49 -6.79 -22.36
N TYR A 34 8.48 -5.99 -22.02
CA TYR A 34 8.74 -4.72 -22.70
C TYR A 34 9.98 -4.97 -23.59
N ASN A 35 9.86 -4.68 -24.87
CA ASN A 35 10.95 -4.87 -25.85
C ASN A 35 11.54 -6.30 -25.80
N GLY A 36 10.63 -7.27 -25.63
CA GLY A 36 10.99 -8.68 -25.56
C GLY A 36 11.61 -9.27 -24.32
N HIS A 37 12.52 -8.56 -23.67
CA HIS A 37 13.25 -9.14 -22.54
C HIS A 37 12.98 -8.72 -21.10
N THR A 38 12.26 -7.64 -20.93
CA THR A 38 12.03 -7.07 -19.61
C THR A 38 10.64 -7.33 -19.10
N LYS A 39 10.55 -8.07 -18.01
CA LYS A 39 9.27 -8.42 -17.43
C LYS A 39 8.67 -7.17 -16.77
N VAL A 40 7.39 -6.92 -17.04
CA VAL A 40 6.69 -5.76 -16.47
C VAL A 40 5.26 -6.14 -16.09
N ALA A 41 4.64 -5.28 -15.30
CA ALA A 41 3.22 -5.44 -14.95
C ALA A 41 2.52 -4.37 -15.80
N VAL A 42 1.37 -4.69 -16.39
CA VAL A 42 0.65 -3.72 -17.22
C VAL A 42 -0.81 -3.65 -16.68
N LYS A 43 -1.22 -2.43 -16.28
CA LYS A 43 -2.59 -2.19 -15.78
C LYS A 43 -3.28 -1.48 -16.92
N SER A 44 -4.38 -2.06 -17.41
CA SER A 44 -5.09 -1.49 -18.54
C SER A 44 -6.45 -1.00 -18.13
N LEU A 45 -6.83 0.16 -18.66
CA LEU A 45 -8.12 0.77 -18.33
C LEU A 45 -9.23 0.23 -19.20
N LYS A 46 -10.31 -0.21 -18.55
CA LYS A 46 -11.48 -0.69 -19.26
C LYS A 46 -12.19 0.57 -19.73
N GLN A 47 -12.19 0.80 -21.03
CA GLN A 47 -12.81 1.99 -21.60
C GLN A 47 -14.25 2.19 -21.13
N GLY A 48 -14.54 3.43 -20.74
CA GLY A 48 -15.86 3.78 -20.26
C GLY A 48 -16.14 3.46 -18.79
N SER A 49 -15.29 2.66 -18.13
CA SER A 49 -15.52 2.32 -16.73
C SER A 49 -15.19 3.45 -15.77
N MET A 50 -14.35 4.36 -16.24
CA MET A 50 -13.93 5.50 -15.44
C MET A 50 -13.20 6.46 -16.37
N SER A 51 -12.97 7.65 -15.86
CA SER A 51 -12.30 8.69 -16.61
C SER A 51 -10.85 8.35 -16.94
N PRO A 52 -10.44 8.56 -18.19
CA PRO A 52 -9.05 8.27 -18.57
C PRO A 52 -8.14 9.17 -17.75
N ASP A 53 -8.60 10.40 -17.48
CA ASP A 53 -7.81 11.33 -16.65
C ASP A 53 -7.70 10.82 -15.22
N ALA A 54 -8.76 10.22 -14.69
CA ALA A 54 -8.73 9.69 -13.32
C ALA A 54 -7.75 8.49 -13.32
N PHE A 55 -7.85 7.65 -14.32
CA PHE A 55 -6.95 6.47 -14.38
C PHE A 55 -5.47 6.88 -14.41
N LEU A 56 -5.12 7.83 -15.28
CA LEU A 56 -3.74 8.28 -15.42
C LEU A 56 -3.20 9.05 -14.22
N ALA A 57 -4.08 9.57 -13.38
CA ALA A 57 -3.62 10.29 -12.19
C ALA A 57 -2.75 9.42 -11.32
N GLU A 58 -3.00 8.12 -11.33
CA GLU A 58 -2.18 7.18 -10.55
C GLU A 58 -0.74 7.23 -11.07
N ALA A 59 -0.61 7.16 -12.39
CA ALA A 59 0.73 7.17 -13.03
C ALA A 59 1.42 8.52 -12.74
N ASN A 60 0.66 9.61 -12.87
CA ASN A 60 1.23 10.93 -12.61
C ASN A 60 1.78 11.04 -11.17
N LEU A 61 1.07 10.41 -10.21
CA LEU A 61 1.52 10.41 -8.81
C LEU A 61 2.86 9.61 -8.71
N MET A 62 2.92 8.44 -9.37
CA MET A 62 4.13 7.59 -9.33
C MET A 62 5.36 8.29 -9.89
N LYS A 63 5.17 9.20 -10.85
CA LYS A 63 6.26 10.02 -11.38
C LYS A 63 6.92 10.83 -10.24
N GLN A 64 6.15 11.28 -9.25
CA GLN A 64 6.67 12.09 -8.12
C GLN A 64 7.13 11.30 -6.90
N LEU A 65 6.98 9.99 -6.95
CA LEU A 65 7.33 9.15 -5.83
C LEU A 65 8.18 8.01 -6.28
N GLN A 66 9.45 8.28 -6.52
CA GLN A 66 10.33 7.23 -6.99
C GLN A 66 11.30 6.88 -5.90
N HIS A 67 11.38 5.60 -5.57
CA HIS A 67 12.26 5.12 -4.51
C HIS A 67 12.34 3.60 -4.63
N GLN A 68 13.44 2.99 -4.17
CA GLN A 68 13.59 1.51 -4.24
C GLN A 68 12.47 0.75 -3.52
N ARG A 69 11.87 1.38 -2.51
CA ARG A 69 10.81 0.74 -1.75
C ARG A 69 9.39 0.98 -2.25
N LEU A 70 9.22 1.65 -3.38
CA LEU A 70 7.92 1.91 -3.96
C LEU A 70 7.96 1.30 -5.37
N VAL A 71 6.86 0.65 -5.76
CA VAL A 71 6.74 0.03 -7.05
C VAL A 71 7.03 1.13 -8.05
N ARG A 72 7.92 0.86 -8.99
CA ARG A 72 8.35 1.89 -9.95
C ARG A 72 7.59 2.04 -11.24
N LEU A 73 7.21 3.28 -11.59
CA LEU A 73 6.52 3.49 -12.86
C LEU A 73 7.58 3.32 -13.99
N TYR A 74 7.22 2.62 -15.06
CA TYR A 74 8.16 2.46 -16.18
C TYR A 74 7.69 3.26 -17.39
N ALA A 75 6.40 3.17 -17.71
CA ALA A 75 5.88 3.86 -18.89
C ALA A 75 4.36 3.95 -18.88
N VAL A 76 3.84 4.63 -19.90
CA VAL A 76 2.40 4.78 -20.12
C VAL A 76 2.12 4.76 -21.62
N VAL A 77 0.93 4.25 -21.99
CA VAL A 77 0.45 4.29 -23.37
C VAL A 77 -0.86 5.09 -23.14
N THR A 78 -0.86 6.33 -23.58
CA THR A 78 -2.01 7.21 -23.35
C THR A 78 -3.16 7.20 -24.35
N GLN A 79 -3.12 6.27 -25.30
CA GLN A 79 -4.20 6.15 -26.26
C GLN A 79 -4.94 4.88 -25.85
N GLU A 80 -6.25 4.86 -26.08
CA GLU A 80 -7.09 3.71 -25.70
C GLU A 80 -6.81 2.38 -26.39
N PRO A 81 -6.76 1.28 -25.63
CA PRO A 81 -6.93 1.23 -24.17
C PRO A 81 -5.68 1.74 -23.48
N ILE A 82 -5.87 2.60 -22.50
CA ILE A 82 -4.78 3.21 -21.75
C ILE A 82 -4.05 2.21 -20.86
N TYR A 83 -2.72 2.26 -20.90
CA TYR A 83 -1.91 1.36 -20.06
C TYR A 83 -0.98 2.13 -19.14
N ILE A 84 -0.72 1.54 -17.96
CA ILE A 84 0.27 2.05 -17.00
C ILE A 84 1.19 0.83 -16.84
N ILE A 85 2.46 1.03 -17.14
CA ILE A 85 3.44 -0.07 -17.09
C ILE A 85 4.36 0.13 -15.93
N THR A 86 4.51 -0.90 -15.07
CA THR A 86 5.36 -0.73 -13.90
C THR A 86 6.30 -1.91 -13.69
N GLU A 87 7.14 -1.74 -12.68
CA GLU A 87 8.05 -2.77 -12.17
C GLU A 87 7.17 -4.00 -11.82
N TYR A 88 7.66 -5.18 -12.19
CA TYR A 88 6.92 -6.42 -11.93
C TYR A 88 7.36 -7.04 -10.61
N MET A 89 6.41 -7.32 -9.72
CA MET A 89 6.75 -7.88 -8.40
C MET A 89 6.31 -9.35 -8.47
N GLU A 90 7.30 -10.23 -8.55
CA GLU A 90 7.09 -11.66 -8.76
C GLU A 90 6.19 -12.42 -7.81
N ASN A 91 6.26 -12.06 -6.53
CA ASN A 91 5.48 -12.71 -5.51
C ASN A 91 4.16 -12.05 -5.22
N GLY A 92 3.81 -11.08 -6.08
CA GLY A 92 2.54 -10.39 -6.03
C GLY A 92 2.17 -9.71 -4.71
N SER A 93 0.90 -9.74 -4.37
CA SER A 93 0.42 -9.10 -3.16
C SER A 93 0.84 -9.78 -1.83
N LEU A 94 1.32 -8.98 -0.89
CA LEU A 94 1.76 -9.50 0.41
C LEU A 94 0.62 -10.28 1.11
N VAL A 95 -0.60 -9.75 1.05
CA VAL A 95 -1.71 -10.43 1.67
C VAL A 95 -1.89 -11.86 1.07
N ASP A 96 -1.64 -12.02 -0.23
CA ASP A 96 -1.74 -13.34 -0.87
C ASP A 96 -0.47 -14.16 -0.64
N PHE A 97 0.67 -13.52 -0.71
CA PHE A 97 1.95 -14.22 -0.56
C PHE A 97 2.12 -14.89 0.85
N LEU A 98 1.61 -14.23 1.89
CA LEU A 98 1.76 -14.76 3.24
C LEU A 98 1.00 -16.08 3.48
N LYS A 99 0.03 -16.34 2.62
CA LYS A 99 -0.83 -17.53 2.68
C LYS A 99 -0.29 -18.71 1.87
N THR A 100 0.74 -18.47 1.05
CA THR A 100 1.32 -19.54 0.23
C THR A 100 2.27 -20.37 1.11
N PRO A 101 2.68 -21.55 0.63
CA PRO A 101 3.60 -22.39 1.43
C PRO A 101 4.89 -21.64 1.80
N SER A 102 5.41 -20.79 0.91
CA SER A 102 6.64 -20.05 1.25
C SER A 102 6.38 -19.02 2.35
N GLY A 103 5.31 -18.26 2.22
CA GLY A 103 4.96 -17.24 3.22
C GLY A 103 4.73 -17.87 4.60
N ILE A 104 4.01 -18.99 4.63
CA ILE A 104 3.72 -19.71 5.88
C ILE A 104 4.97 -20.11 6.65
N LYS A 105 6.03 -20.49 5.95
CA LYS A 105 7.25 -20.88 6.63
C LYS A 105 8.13 -19.69 7.09
N LEU A 106 7.71 -18.47 6.83
CA LEU A 106 8.55 -17.32 7.25
C LEU A 106 8.63 -17.20 8.75
N THR A 107 9.83 -16.94 9.28
CA THR A 107 10.04 -16.78 10.71
C THR A 107 9.58 -15.37 11.14
N ILE A 108 9.38 -15.18 12.45
CA ILE A 108 8.97 -13.86 12.93
C ILE A 108 10.05 -12.84 12.52
N ASN A 109 11.30 -13.28 12.45
CA ASN A 109 12.44 -12.43 12.07
C ASN A 109 12.26 -11.83 10.67
N LYS A 110 11.87 -12.67 9.72
CA LYS A 110 11.69 -12.21 8.36
C LYS A 110 10.40 -11.36 8.24
N LEU A 111 9.38 -11.67 9.05
CA LEU A 111 8.15 -10.84 8.98
C LEU A 111 8.44 -9.44 9.51
N LEU A 112 9.31 -9.34 10.50
CA LEU A 112 9.71 -8.06 11.07
C LEU A 112 10.54 -7.26 10.07
N ASP A 113 11.39 -7.98 9.36
CA ASP A 113 12.26 -7.40 8.31
C ASP A 113 11.32 -6.74 7.31
N MET A 114 10.41 -7.53 6.74
CA MET A 114 9.40 -7.00 5.80
C MET A 114 8.64 -5.81 6.39
N ALA A 115 8.14 -5.93 7.62
CA ALA A 115 7.44 -4.77 8.24
C ALA A 115 8.35 -3.52 8.17
N ALA A 116 9.63 -3.69 8.54
CA ALA A 116 10.57 -2.57 8.50
C ALA A 116 10.74 -2.02 7.07
N GLN A 117 10.80 -2.90 6.04
CA GLN A 117 10.90 -2.45 4.64
C GLN A 117 9.71 -1.57 4.31
N ILE A 118 8.52 -1.97 4.75
CA ILE A 118 7.34 -1.18 4.47
C ILE A 118 7.40 0.19 5.15
N ALA A 119 7.88 0.23 6.41
CA ALA A 119 7.94 1.49 7.17
C ALA A 119 8.98 2.39 6.46
N GLU A 120 10.00 1.74 5.88
CA GLU A 120 11.06 2.44 5.15
C GLU A 120 10.47 3.13 3.94
N GLY A 121 9.60 2.42 3.22
CA GLY A 121 8.95 3.00 2.07
C GLY A 121 8.01 4.14 2.50
N MET A 122 7.26 3.90 3.57
CA MET A 122 6.35 4.94 4.09
C MET A 122 7.12 6.15 4.65
N ALA A 123 8.36 5.97 5.13
CA ALA A 123 9.15 7.10 5.64
C ALA A 123 9.56 8.00 4.46
N PHE A 124 9.76 7.41 3.27
CA PHE A 124 10.10 8.22 2.08
C PHE A 124 8.84 9.01 1.68
N ILE A 125 7.68 8.35 1.72
CA ILE A 125 6.40 8.99 1.38
C ILE A 125 6.12 10.17 2.33
N GLU A 126 6.34 9.92 3.61
CA GLU A 126 6.18 10.88 4.69
C GLU A 126 7.13 12.10 4.44
N GLU A 127 8.38 11.82 4.12
CA GLU A 127 9.35 12.88 3.86
C GLU A 127 9.01 13.75 2.63
N ARG A 128 8.37 13.16 1.61
CA ARG A 128 7.99 13.91 0.40
C ARG A 128 6.71 14.71 0.54
N ASN A 129 6.13 14.68 1.74
CA ASN A 129 4.89 15.40 2.02
C ASN A 129 3.68 14.75 1.42
N TYR A 130 3.77 13.43 1.15
CA TYR A 130 2.62 12.74 0.59
C TYR A 130 1.96 11.87 1.63
N ILE A 131 0.77 11.38 1.31
CA ILE A 131 0.10 10.43 2.17
C ILE A 131 -0.30 9.36 1.16
N HIS A 132 -0.67 8.18 1.64
CA HIS A 132 -1.06 7.10 0.75
C HIS A 132 -2.57 6.86 0.85
N ARG A 133 -3.07 6.74 2.09
CA ARG A 133 -4.51 6.51 2.39
C ARG A 133 -5.08 5.14 2.10
N ASP A 134 -4.26 4.20 1.63
CA ASP A 134 -4.77 2.85 1.32
C ASP A 134 -3.69 1.85 1.74
N LEU A 135 -3.03 2.17 2.84
CA LEU A 135 -1.97 1.33 3.35
C LEU A 135 -2.58 0.06 4.00
N ARG A 136 -2.36 -1.09 3.38
CA ARG A 136 -2.86 -2.38 3.86
C ARG A 136 -2.03 -3.42 3.12
N ALA A 137 -1.95 -4.62 3.69
CA ALA A 137 -1.16 -5.71 3.11
C ALA A 137 -1.48 -6.02 1.64
N ALA A 138 -2.73 -5.80 1.23
CA ALA A 138 -3.11 -6.03 -0.15
C ALA A 138 -2.31 -5.11 -1.07
N ASN A 139 -1.95 -3.95 -0.53
CA ASN A 139 -1.27 -2.94 -1.31
C ASN A 139 0.24 -2.88 -1.13
N ILE A 140 0.81 -3.98 -0.63
CA ILE A 140 2.26 -4.13 -0.48
C ILE A 140 2.59 -5.27 -1.48
N LEU A 141 3.57 -5.05 -2.36
CA LEU A 141 3.94 -6.13 -3.36
C LEU A 141 5.24 -6.76 -2.92
N VAL A 142 5.42 -8.04 -3.25
CA VAL A 142 6.59 -8.79 -2.82
C VAL A 142 7.38 -9.21 -4.07
N SER A 143 8.70 -9.03 -4.01
CA SER A 143 9.64 -9.34 -5.08
C SER A 143 10.08 -10.79 -5.00
N ASP A 144 10.77 -11.23 -6.04
CA ASP A 144 11.28 -12.60 -6.10
C ASP A 144 12.32 -12.80 -5.00
N THR A 145 12.93 -11.73 -4.49
CA THR A 145 13.89 -11.91 -3.37
C THR A 145 13.22 -11.68 -1.99
N LEU A 146 11.91 -11.62 -1.96
CA LEU A 146 11.17 -11.37 -0.70
C LEU A 146 11.49 -9.99 -0.07
N SER A 147 11.58 -8.98 -0.93
CA SER A 147 11.75 -7.62 -0.46
C SER A 147 10.33 -7.05 -0.77
N CYS A 148 9.93 -6.04 -0.01
CA CYS A 148 8.59 -5.48 -0.14
C CYS A 148 8.63 -4.04 -0.66
N LYS A 149 7.63 -3.70 -1.48
CA LYS A 149 7.46 -2.34 -2.01
C LYS A 149 6.03 -1.83 -1.86
N ILE A 150 5.89 -0.54 -1.57
CA ILE A 150 4.56 0.08 -1.45
C ILE A 150 4.01 0.16 -2.90
N ALA A 151 2.70 -0.04 -3.05
CA ALA A 151 2.02 -0.01 -4.33
C ALA A 151 0.64 0.63 -4.22
N ASP A 152 -0.08 0.72 -5.36
CA ASP A 152 -1.45 1.23 -5.44
C ASP A 152 -1.61 2.66 -4.90
N PHE A 153 -0.98 3.56 -5.62
CA PHE A 153 -0.95 4.97 -5.26
C PHE A 153 -2.14 5.75 -5.72
N GLY A 154 -3.21 5.07 -6.10
CA GLY A 154 -4.39 5.75 -6.60
C GLY A 154 -5.02 6.79 -5.71
N LEU A 155 -4.96 6.56 -4.40
CA LEU A 155 -5.55 7.52 -3.46
C LEU A 155 -4.49 8.41 -2.88
N ALA A 156 -3.23 8.25 -3.28
CA ALA A 156 -2.15 9.08 -2.71
C ALA A 156 -2.33 10.57 -3.05
N ARG A 157 -1.95 11.43 -2.13
CA ARG A 157 -2.11 12.87 -2.34
C ARG A 157 -0.97 13.63 -1.73
N LEU A 158 -0.59 14.70 -2.42
CA LEU A 158 0.45 15.58 -1.97
C LEU A 158 -0.26 16.47 -0.98
N ILE A 159 0.31 16.58 0.20
CA ILE A 159 -0.26 17.39 1.27
C ILE A 159 0.37 18.78 1.21
N GLU A 160 -0.42 19.74 0.73
CA GLU A 160 0.00 21.13 0.61
C GLU A 160 0.17 21.64 2.05
N ASP A 161 -0.94 21.81 2.76
CA ASP A 161 -0.97 22.25 4.15
C ASP A 161 -1.10 20.92 4.91
N ASN A 162 -1.17 20.90 6.25
CA ASN A 162 -1.26 19.65 7.02
C ASN A 162 -2.18 18.48 6.61
N GLU A 163 -3.40 18.74 6.15
CA GLU A 163 -4.31 17.61 5.83
C GLU A 163 -5.16 17.63 4.54
N PTR A 164 -5.43 16.42 3.98
CA PTR A 164 -6.22 16.22 2.78
C PTR A 164 -7.63 15.88 3.24
O PTR A 164 -7.84 14.99 4.06
CB PTR A 164 -5.68 15.06 1.89
CG PTR A 164 -6.42 14.89 0.58
CD1 PTR A 164 -6.11 15.72 -0.49
CD2 PTR A 164 -7.42 13.92 0.42
CE1 PTR A 164 -6.79 15.56 -1.69
CE2 PTR A 164 -8.12 13.75 -0.77
CZ PTR A 164 -7.78 14.60 -1.81
OH PTR A 164 -8.50 14.43 -3.06
P PTR A 164 -10.02 13.85 -3.12
O1P PTR A 164 -9.93 12.47 -2.69
O2P PTR A 164 -10.58 13.84 -4.50
O3P PTR A 164 -10.93 14.58 -2.13
N THR A 165 -8.83 16.47 2.94
CA THR A 165 -10.19 16.17 3.39
C THR A 165 -10.87 15.59 2.18
N ALA A 166 -11.32 14.34 2.27
CA ALA A 166 -11.99 13.69 1.14
C ALA A 166 -13.36 14.31 0.87
N ARG A 167 -14.04 13.82 -0.16
CA ARG A 167 -15.37 14.33 -0.51
C ARG A 167 -16.43 13.66 0.39
N GLU A 168 -17.42 14.43 0.82
CA GLU A 168 -18.46 13.93 1.74
C GLU A 168 -19.08 12.53 1.53
N GLY A 169 -19.14 12.06 0.29
CA GLY A 169 -19.70 10.73 0.05
C GLY A 169 -18.62 9.67 -0.09
N ALA A 170 -17.39 10.02 0.23
CA ALA A 170 -16.26 9.08 0.13
C ALA A 170 -16.27 8.03 1.22
N LYS A 171 -16.13 6.77 0.84
CA LYS A 171 -16.12 5.67 1.79
C LYS A 171 -14.75 4.97 1.79
N PHE A 172 -14.31 4.56 2.97
CA PHE A 172 -13.00 3.91 3.15
C PHE A 172 -13.16 2.63 3.98
N PRO A 173 -12.24 1.67 3.81
CA PRO A 173 -12.31 0.40 4.56
C PRO A 173 -12.20 0.74 6.03
N ILE A 174 -13.29 0.54 6.75
CA ILE A 174 -13.33 0.87 8.17
C ILE A 174 -12.25 0.29 9.06
N LYS A 175 -11.94 -0.99 8.89
CA LYS A 175 -10.94 -1.65 9.75
C LYS A 175 -9.51 -1.17 9.62
N TRP A 176 -9.15 -0.59 8.47
CA TRP A 176 -7.78 -0.09 8.25
C TRP A 176 -7.64 1.41 8.34
N THR A 177 -8.77 2.13 8.38
CA THR A 177 -8.77 3.57 8.39
C THR A 177 -8.81 4.23 9.79
N ALA A 178 -7.99 5.25 10.01
CA ALA A 178 -7.88 5.99 11.30
C ALA A 178 -9.21 6.63 11.61
N PRO A 179 -9.61 6.75 12.89
CA PRO A 179 -10.88 7.35 13.25
C PRO A 179 -11.14 8.72 12.68
N GLU A 180 -10.13 9.61 12.72
CA GLU A 180 -10.31 10.97 12.19
C GLU A 180 -10.67 10.96 10.74
N ALA A 181 -10.16 9.99 9.98
CA ALA A 181 -10.48 9.89 8.56
C ALA A 181 -11.91 9.36 8.37
N ILE A 182 -12.30 8.38 9.21
CA ILE A 182 -13.68 7.82 9.11
C ILE A 182 -14.73 8.86 9.59
N ASN A 183 -14.46 9.53 10.69
CA ASN A 183 -15.42 10.51 11.23
C ASN A 183 -15.44 11.90 10.52
N TYR A 184 -14.30 12.33 9.98
CA TYR A 184 -14.22 13.64 9.37
C TYR A 184 -13.72 13.76 7.95
N GLY A 185 -13.31 12.67 7.30
CA GLY A 185 -12.79 12.75 5.95
C GLY A 185 -11.36 13.33 5.99
N THR A 186 -10.84 13.47 7.18
CA THR A 186 -9.53 14.04 7.41
C THR A 186 -8.36 13.03 7.41
N PHE A 187 -7.45 13.17 6.44
CA PHE A 187 -6.28 12.30 6.31
C PHE A 187 -4.94 13.03 6.42
N THR A 188 -4.04 12.47 7.20
CA THR A 188 -2.68 13.03 7.30
C THR A 188 -1.76 11.83 7.29
N ILE A 189 -0.47 12.08 7.36
CA ILE A 189 0.47 10.98 7.39
C ILE A 189 0.22 10.11 8.64
N LYS A 190 -0.39 10.73 9.67
CA LYS A 190 -0.67 10.03 10.92
C LYS A 190 -1.81 9.03 10.73
N SER A 191 -2.65 9.27 9.73
CA SER A 191 -3.72 8.34 9.41
C SER A 191 -3.05 7.13 8.81
N ASP A 192 -2.03 7.33 7.97
CA ASP A 192 -1.31 6.18 7.38
C ASP A 192 -0.63 5.38 8.49
N VAL A 193 -0.13 6.06 9.52
CA VAL A 193 0.52 5.38 10.62
C VAL A 193 -0.48 4.43 11.31
N TRP A 194 -1.73 4.88 11.48
CA TRP A 194 -2.76 4.03 12.11
C TRP A 194 -2.92 2.77 11.20
N SER A 195 -3.10 3.00 9.91
CA SER A 195 -3.23 1.92 8.96
C SER A 195 -2.06 0.97 9.04
N PHE A 196 -0.84 1.52 9.19
CA PHE A 196 0.35 0.67 9.32
C PHE A 196 0.19 -0.26 10.56
N GLY A 197 -0.36 0.29 11.64
CA GLY A 197 -0.60 -0.54 12.83
C GLY A 197 -1.47 -1.74 12.47
N ILE A 198 -2.51 -1.52 11.68
CA ILE A 198 -3.41 -2.57 11.25
C ILE A 198 -2.64 -3.56 10.30
N LEU A 199 -1.86 -3.00 9.38
CA LEU A 199 -1.04 -3.82 8.45
C LEU A 199 -0.13 -4.77 9.26
N LEU A 200 0.51 -4.30 10.35
CA LEU A 200 1.34 -5.18 11.16
C LEU A 200 0.54 -6.43 11.67
N THR A 201 -0.77 -6.28 11.93
CA THR A 201 -1.58 -7.44 12.41
C THR A 201 -1.75 -8.41 11.23
N GLU A 202 -1.92 -7.85 10.04
CA GLU A 202 -2.05 -8.72 8.86
C GLU A 202 -0.78 -9.53 8.67
N ILE A 203 0.36 -8.92 8.96
CA ILE A 203 1.65 -9.59 8.75
C ILE A 203 1.86 -10.74 9.71
N VAL A 204 1.64 -10.46 10.99
CA VAL A 204 1.83 -11.45 12.04
C VAL A 204 0.78 -12.57 12.06
N THR A 205 -0.34 -12.41 11.37
CA THR A 205 -1.36 -13.43 11.32
C THR A 205 -1.38 -14.07 9.92
N HIS A 206 -0.36 -13.77 9.12
CA HIS A 206 -0.27 -14.32 7.77
C HIS A 206 -1.48 -14.00 6.93
N GLY A 207 -1.89 -12.73 6.99
CA GLY A 207 -2.99 -12.29 6.18
C GLY A 207 -4.41 -12.36 6.68
N ARG A 208 -4.66 -12.65 7.95
CA ARG A 208 -6.03 -12.69 8.49
C ARG A 208 -6.68 -11.29 8.50
N ILE A 209 -8.01 -11.25 8.46
CA ILE A 209 -8.76 -10.00 8.46
C ILE A 209 -8.71 -9.41 9.88
N PRO A 210 -8.37 -8.11 9.95
CA PRO A 210 -8.28 -7.42 11.24
C PRO A 210 -9.58 -7.45 12.04
N TYR A 211 -9.43 -7.36 13.35
CA TYR A 211 -10.54 -7.42 14.29
C TYR A 211 -11.36 -8.71 14.06
N PRO A 212 -10.73 -9.89 14.25
CA PRO A 212 -11.39 -11.19 14.06
C PRO A 212 -12.75 -11.30 14.78
N GLY A 213 -13.78 -11.71 14.06
CA GLY A 213 -15.11 -11.89 14.66
C GLY A 213 -15.90 -10.64 14.90
N MET A 214 -15.48 -9.51 14.31
CA MET A 214 -16.20 -8.27 14.51
C MET A 214 -16.62 -7.59 13.21
N THR A 215 -17.84 -7.02 13.23
CA THR A 215 -18.36 -6.27 12.11
C THR A 215 -17.83 -4.83 12.26
N ASN A 216 -18.01 -4.01 11.25
CA ASN A 216 -17.56 -2.62 11.29
C ASN A 216 -18.20 -1.81 12.48
N PRO A 217 -19.53 -1.95 12.71
CA PRO A 217 -20.19 -1.22 13.83
C PRO A 217 -19.55 -1.61 15.18
N GLU A 218 -19.20 -2.89 15.36
CA GLU A 218 -18.53 -3.38 16.58
C GLU A 218 -17.13 -2.78 16.75
N VAL A 219 -16.41 -2.68 15.63
CA VAL A 219 -15.05 -2.10 15.67
C VAL A 219 -15.19 -0.62 16.09
N ILE A 220 -16.09 0.11 15.46
CA ILE A 220 -16.29 1.53 15.81
C ILE A 220 -16.62 1.76 17.29
N GLN A 221 -17.50 0.91 17.78
CA GLN A 221 -18.00 0.94 19.16
C GLN A 221 -16.84 0.62 20.08
N ASN A 222 -16.06 -0.41 19.76
CA ASN A 222 -14.94 -0.73 20.62
C ASN A 222 -13.89 0.41 20.62
N LEU A 223 -13.56 0.91 19.43
CA LEU A 223 -12.58 2.00 19.38
C LEU A 223 -13.05 3.18 20.22
N GLU A 224 -14.32 3.56 20.12
CA GLU A 224 -14.84 4.71 20.86
C GLU A 224 -14.79 4.57 22.40
N ARG A 225 -14.68 3.31 22.87
CA ARG A 225 -14.56 3.00 24.31
C ARG A 225 -13.10 3.08 24.73
N GLY A 226 -12.22 3.23 23.76
CA GLY A 226 -10.79 3.25 24.06
C GLY A 226 -10.12 1.89 23.88
N TYR A 227 -10.84 0.88 23.42
CA TYR A 227 -10.21 -0.44 23.23
C TYR A 227 -9.54 -0.39 21.88
N ARG A 228 -8.65 -1.33 21.63
CA ARG A 228 -8.00 -1.46 20.31
C ARG A 228 -8.09 -2.96 20.03
N MET A 229 -7.61 -3.36 18.85
CA MET A 229 -7.63 -4.79 18.49
C MET A 229 -6.98 -5.68 19.53
N VAL A 230 -7.65 -6.79 19.83
CA VAL A 230 -7.17 -7.80 20.75
C VAL A 230 -5.83 -8.30 20.20
N ARG A 231 -4.90 -8.61 21.08
CA ARG A 231 -3.58 -9.14 20.71
C ARG A 231 -3.76 -10.36 19.82
N PRO A 232 -3.20 -10.31 18.60
CA PRO A 232 -3.35 -11.47 17.72
C PRO A 232 -2.62 -12.66 18.32
N ASP A 233 -3.09 -13.85 17.98
CA ASP A 233 -2.49 -15.10 18.43
C ASP A 233 -1.04 -15.07 18.00
N ASN A 234 -0.17 -15.54 18.88
CA ASN A 234 1.26 -15.60 18.64
C ASN A 234 1.96 -14.28 18.29
N CYS A 235 1.33 -13.15 18.56
CA CYS A 235 2.00 -11.85 18.29
C CYS A 235 2.96 -11.50 19.45
N PRO A 236 4.25 -11.20 19.15
CA PRO A 236 5.18 -10.85 20.22
C PRO A 236 4.66 -9.53 20.88
N GLU A 237 4.70 -9.50 22.21
CA GLU A 237 4.23 -8.33 22.95
C GLU A 237 4.93 -7.00 22.54
N GLU A 238 6.22 -7.05 22.22
CA GLU A 238 6.93 -5.82 21.76
C GLU A 238 6.32 -5.25 20.49
N LEU A 239 5.93 -6.12 19.57
CA LEU A 239 5.31 -5.72 18.31
C LEU A 239 3.89 -5.21 18.57
N TYR A 240 3.16 -5.90 19.45
CA TYR A 240 1.81 -5.46 19.76
C TYR A 240 1.90 -4.05 20.39
N GLN A 241 2.84 -3.80 21.32
CA GLN A 241 2.97 -2.43 21.92
C GLN A 241 3.39 -1.40 20.83
N LEU A 242 4.07 -1.85 19.76
CA LEU A 242 4.39 -0.89 18.68
C LEU A 242 3.09 -0.56 17.91
N MET A 243 2.23 -1.56 17.68
CA MET A 243 0.96 -1.30 16.99
C MET A 243 0.09 -0.33 17.83
N ARG A 244 0.11 -0.51 19.14
CA ARG A 244 -0.68 0.37 20.04
C ARG A 244 -0.22 1.82 19.88
N LEU A 245 1.08 2.07 19.66
CA LEU A 245 1.57 3.47 19.43
C LEU A 245 0.95 4.01 18.15
N CYS A 246 0.81 3.14 17.14
CA CYS A 246 0.17 3.56 15.89
C CYS A 246 -1.28 3.90 16.08
N TRP A 247 -1.90 3.33 17.12
CA TRP A 247 -3.32 3.55 17.35
C TRP A 247 -3.64 4.58 18.45
N LYS A 248 -2.71 5.48 18.71
CA LYS A 248 -2.94 6.51 19.70
C LYS A 248 -4.09 7.37 19.27
N GLU A 249 -4.95 7.69 20.23
CA GLU A 249 -6.12 8.52 19.92
C GLU A 249 -5.75 9.79 19.16
N ARG A 250 -4.83 10.58 19.69
CA ARG A 250 -4.49 11.82 18.95
C ARG A 250 -3.49 11.52 17.85
N PRO A 251 -3.79 11.95 16.62
CA PRO A 251 -2.91 11.73 15.47
C PRO A 251 -1.48 12.17 15.79
N GLU A 252 -1.34 13.35 16.39
CA GLU A 252 -0.03 13.90 16.70
C GLU A 252 0.83 13.09 17.66
N ASP A 253 0.19 12.19 18.42
CA ASP A 253 0.92 11.34 19.35
C ASP A 253 1.48 10.08 18.71
N ARG A 254 0.94 9.73 17.55
CA ARG A 254 1.38 8.53 16.81
C ARG A 254 2.80 8.84 16.29
N PRO A 255 3.68 7.84 16.24
CA PRO A 255 5.07 7.98 15.79
C PRO A 255 5.24 8.27 14.32
N THR A 256 6.45 8.65 13.94
CA THR A 256 6.74 8.87 12.53
C THR A 256 7.10 7.51 11.91
N PHE A 257 7.08 7.46 10.57
CA PHE A 257 7.46 6.25 9.89
C PHE A 257 8.93 5.98 10.05
N ASP A 258 9.73 7.04 10.15
CA ASP A 258 11.15 6.81 10.40
C ASP A 258 11.37 6.15 11.79
N TYR A 259 10.61 6.61 12.81
CA TYR A 259 10.74 6.01 14.16
C TYR A 259 10.39 4.49 14.05
N LEU A 260 9.25 4.21 13.44
CA LEU A 260 8.76 2.84 13.22
C LEU A 260 9.80 1.98 12.49
N ARG A 261 10.38 2.49 11.41
CA ARG A 261 11.39 1.72 10.67
C ARG A 261 12.55 1.34 11.57
N SER A 262 13.00 2.32 12.34
CA SER A 262 14.12 2.14 13.23
C SER A 262 13.85 1.12 14.32
N VAL A 263 12.67 1.17 14.94
CA VAL A 263 12.37 0.20 16.00
C VAL A 263 12.23 -1.19 15.35
N LEU A 264 11.56 -1.26 14.21
CA LEU A 264 11.37 -2.54 13.53
C LEU A 264 12.68 -3.18 13.11
N GLU A 265 13.65 -2.36 12.67
CA GLU A 265 14.99 -2.90 12.35
C GLU A 265 15.66 -3.48 13.62
N ASP A 266 15.50 -2.81 14.75
CA ASP A 266 16.07 -3.29 15.98
C ASP A 266 15.41 -4.62 16.36
N PHE A 267 14.09 -4.71 16.19
CA PHE A 267 13.40 -5.94 16.55
C PHE A 267 13.97 -7.10 15.72
N PHE A 268 14.17 -6.84 14.43
CA PHE A 268 14.70 -7.80 13.45
C PHE A 268 16.13 -8.20 13.77
N THR A 269 16.97 -7.21 14.02
CA THR A 269 18.39 -7.46 14.31
C THR A 269 18.61 -8.17 15.62
N ALA A 270 17.55 -8.36 16.39
CA ALA A 270 17.63 -9.04 17.69
C ALA A 270 17.15 -10.48 17.53
N THR A 271 16.05 -10.66 16.78
CA THR A 271 15.50 -11.98 16.55
C THR A 271 16.30 -12.64 15.41
S SO4 B . 15.08 -3.96 -3.88
O1 SO4 B . 14.61 -3.59 -5.18
O2 SO4 B . 15.44 -2.79 -3.18
O3 SO4 B . 14.00 -4.69 -3.20
O4 SO4 B . 16.18 -4.84 -3.97
S SO4 C . 5.76 -21.85 -2.76
O1 SO4 C . 6.73 -20.98 -3.33
O2 SO4 C . 6.41 -22.97 -2.21
O3 SO4 C . 5.07 -21.10 -1.74
O4 SO4 C . 4.83 -22.25 -3.76
S SO4 D . -14.30 5.67 15.23
O1 SO4 D . -13.02 5.67 14.62
O2 SO4 D . -14.48 6.84 16.02
O3 SO4 D . -15.29 5.63 14.17
O4 SO4 D . -14.38 4.52 16.07
C1 PP2 E . 0.85 -6.84 -9.45
N2 PP2 E . 1.61 -7.96 -9.33
C3 PP2 E . 2.89 -7.81 -9.61
N4 PP2 E . 3.41 -6.61 -10.00
C5 PP2 E . 2.74 -5.49 -10.15
C6 PP2 E . 1.32 -5.57 -9.85
C8 PP2 E . 0.28 -4.65 -9.83
N9 PP2 E . -0.83 -5.31 -9.39
N10 PP2 E . -0.49 -6.64 -9.19
C11 PP2 E . 0.21 -3.27 -10.31
C12 PP2 E . 0.59 -2.95 -11.63
C13 PP2 E . 0.40 -1.67 -12.17
C14 PP2 E . -0.19 -0.68 -11.35
C15 PP2 E . -0.58 -0.95 -10.04
C16 PP2 E . -0.38 -2.29 -9.46
C22 PP2 E . -1.53 -7.65 -8.72
C23 PP2 E . -1.08 -8.20 -7.31
C24 PP2 E . -1.95 -8.72 -9.76
C25 PP2 E . -2.98 -6.96 -8.57
N25 PP2 E . 3.36 -4.28 -10.42
CL PP2 E . -0.38 0.99 -11.93
H1 PP2 E . -1.72 -4.92 -9.43
H2 PP2 E . 2.83 -3.43 -10.38
H3 PP2 E . 4.33 -4.30 -10.62
#